data_4LA4
#
_entry.id   4LA4
#
_cell.length_a   58.145
_cell.length_b   73.110
_cell.length_c   84.965
_cell.angle_alpha   90.00
_cell.angle_beta   90.00
_cell.angle_gamma   90.00
#
_symmetry.space_group_name_H-M   'P 2 21 21'
#
loop_
_entity.id
_entity.type
_entity.pdbx_description
1 polymer 'NAD(P)H dehydrogenase (quinone)'
2 water water
#
_entity_poly.entity_id   1
_entity_poly.type   'polypeptide(L)'
_entity_poly.pdbx_seq_one_letter_code
;MPTKIQIVFYSSYGHIYKMAEAIAAGAREVGDVEVTLLQVPELMPEEVQVKSGIKGYRAAFGSIPYATPEVLAEADAIIF
GTPTRFGNMCSQMRNFLDQTGGLWMSGGLIGKVGSVFTSTASQHGGQETTITSFHTTLLHHGMVIVGVPYSEPGLTNMTE
ISGGTPYGASTLAGADGSRQPSENELQIARFQGKHVATIAKRLANNK
;
_entity_poly.pdbx_strand_id   A,B
#
# COMPACT_ATOMS: atom_id res chain seq x y z
N PRO A 2 -22.37 2.88 24.55
CA PRO A 2 -21.53 1.68 24.36
C PRO A 2 -20.37 1.95 23.40
N THR A 3 -19.29 1.20 23.56
CA THR A 3 -18.11 1.35 22.72
C THR A 3 -18.39 0.76 21.33
N LYS A 4 -18.21 1.58 20.29
CA LYS A 4 -18.49 1.16 18.92
C LYS A 4 -17.25 0.67 18.18
N ILE A 5 -17.24 -0.60 17.79
CA ILE A 5 -16.13 -1.17 17.06
C ILE A 5 -16.56 -1.53 15.65
N GLN A 6 -15.90 -0.96 14.65
CA GLN A 6 -16.17 -1.30 13.24
C GLN A 6 -15.06 -2.18 12.66
N ILE A 7 -15.46 -3.22 11.94
CA ILE A 7 -14.50 -4.11 11.31
C ILE A 7 -14.68 -4.00 9.81
N VAL A 8 -13.73 -3.34 9.16
CA VAL A 8 -13.87 -2.93 7.77
C VAL A 8 -12.86 -3.68 6.92
N PHE A 9 -13.36 -4.48 5.99
CA PHE A 9 -12.50 -5.41 5.27
C PHE A 9 -12.86 -5.57 3.81
N TYR A 10 -11.86 -5.95 3.03
CA TYR A 10 -12.08 -6.50 1.69
C TYR A 10 -11.70 -7.98 1.69
N SER A 11 -12.50 -8.80 1.03
CA SER A 11 -12.12 -10.20 0.85
C SER A 11 -12.51 -10.74 -0.52
N SER A 12 -11.60 -11.48 -1.16
CA SER A 12 -11.87 -12.11 -2.46
C SER A 12 -12.30 -13.55 -2.30
N TYR A 13 -11.56 -14.32 -1.50
CA TYR A 13 -11.79 -15.76 -1.41
C TYR A 13 -12.42 -16.19 -0.09
N GLY A 14 -12.62 -15.24 0.81
CA GLY A 14 -13.26 -15.51 2.09
C GLY A 14 -12.34 -15.60 3.29
N HIS A 15 -11.02 -15.65 3.08
CA HIS A 15 -10.07 -15.74 4.21
C HIS A 15 -10.16 -14.56 5.18
N ILE A 16 -10.09 -13.35 4.64
CA ILE A 16 -10.24 -12.14 5.43
C ILE A 16 -11.63 -12.08 6.08
N TYR A 17 -12.66 -12.57 5.39
CA TYR A 17 -14.01 -12.60 5.97
C TYR A 17 -14.07 -13.46 7.25
N LYS A 18 -13.50 -14.66 7.18
CA LYS A 18 -13.45 -15.55 8.33
C LYS A 18 -12.68 -14.94 9.51
N MET A 19 -11.51 -14.35 9.24
CA MET A 19 -10.74 -13.69 10.28
C MET A 19 -11.53 -12.54 10.90
N ALA A 20 -12.25 -11.81 10.04
CA ALA A 20 -13.11 -10.73 10.50
C ALA A 20 -14.16 -11.22 11.50
N GLU A 21 -14.74 -12.39 11.25
CA GLU A 21 -15.76 -12.89 12.17
C GLU A 21 -15.12 -13.23 13.51
N ALA A 22 -13.91 -13.79 13.46
CA ALA A 22 -13.20 -14.12 14.69
C ALA A 22 -12.81 -12.85 15.47
N ILE A 23 -12.31 -11.83 14.76
CA ILE A 23 -12.05 -10.54 15.38
C ILE A 23 -13.31 -10.01 16.08
N ALA A 24 -14.45 -10.06 15.36
CA ALA A 24 -15.72 -9.62 15.93
C ALA A 24 -16.07 -10.37 17.21
N ALA A 25 -15.92 -11.69 17.19
CA ALA A 25 -16.23 -12.52 18.36
C ALA A 25 -15.40 -12.13 19.58
N GLY A 26 -14.10 -11.92 19.36
CA GLY A 26 -13.23 -11.48 20.45
C GLY A 26 -13.67 -10.16 21.02
N ALA A 27 -13.95 -9.20 20.14
CA ALA A 27 -14.43 -7.89 20.57
C ALA A 27 -15.70 -7.95 21.44
N ARG A 28 -16.63 -8.82 21.06
CA ARG A 28 -17.90 -8.88 21.78
C ARG A 28 -17.73 -9.41 23.22
N GLU A 29 -16.56 -9.97 23.50
CA GLU A 29 -16.28 -10.52 24.83
C GLU A 29 -16.07 -9.47 25.91
N VAL A 30 -15.89 -8.22 25.51
CA VAL A 30 -15.59 -7.19 26.50
C VAL A 30 -16.84 -6.63 27.17
N GLY A 31 -17.96 -6.60 26.44
CA GLY A 31 -19.20 -6.08 26.99
C GLY A 31 -19.30 -4.57 26.90
N ASP A 32 -20.54 -4.08 26.85
CA ASP A 32 -20.80 -2.66 26.60
C ASP A 32 -20.19 -2.24 25.26
N VAL A 33 -20.24 -3.16 24.31
CA VAL A 33 -19.63 -2.95 23.00
C VAL A 33 -20.58 -3.28 21.84
N GLU A 34 -20.63 -2.41 20.85
CA GLU A 34 -21.35 -2.72 19.60
C GLU A 34 -20.34 -3.01 18.51
N VAL A 35 -20.36 -4.22 17.98
CA VAL A 35 -19.46 -4.58 16.89
C VAL A 35 -20.22 -4.70 15.56
N THR A 36 -19.70 -4.02 14.53
CA THR A 36 -20.30 -4.01 13.21
C THR A 36 -19.30 -4.41 12.12
N LEU A 37 -19.62 -5.44 11.34
CA LEU A 37 -18.83 -5.80 10.17
C LEU A 37 -19.27 -5.02 8.92
N LEU A 38 -18.30 -4.48 8.19
CA LEU A 38 -18.55 -3.70 6.98
C LEU A 38 -17.56 -4.08 5.88
N GLN A 39 -18.04 -4.28 4.65
CA GLN A 39 -17.14 -4.66 3.57
C GLN A 39 -16.90 -3.52 2.60
N VAL A 40 -15.70 -3.47 2.02
CA VAL A 40 -15.40 -2.41 1.06
C VAL A 40 -15.80 -2.84 -0.35
N PRO A 41 -16.27 -1.88 -1.16
CA PRO A 41 -16.71 -2.11 -2.55
C PRO A 41 -15.68 -2.82 -3.40
N GLU A 42 -16.18 -3.68 -4.28
CA GLU A 42 -15.33 -4.39 -5.22
C GLU A 42 -14.98 -3.46 -6.38
N LEU A 43 -13.85 -3.73 -7.03
CA LEU A 43 -13.41 -2.96 -8.19
C LEU A 43 -13.34 -3.85 -9.43
N MET A 44 -13.08 -5.13 -9.20
CA MET A 44 -12.85 -6.07 -10.29
C MET A 44 -14.06 -6.18 -11.21
N PRO A 45 -13.82 -6.15 -12.53
CA PRO A 45 -14.87 -6.18 -13.56
C PRO A 45 -15.77 -7.40 -13.43
N GLU A 46 -17.08 -7.16 -13.53
CA GLU A 46 -18.10 -8.21 -13.50
C GLU A 46 -17.64 -9.51 -14.16
N GLU A 47 -17.07 -9.40 -15.35
CA GLU A 47 -16.65 -10.57 -16.12
C GLU A 47 -15.49 -11.31 -15.46
N VAL A 48 -14.39 -10.58 -15.21
CA VAL A 48 -13.24 -11.15 -14.51
C VAL A 48 -13.69 -11.81 -13.20
N GLN A 49 -14.74 -11.27 -12.62
CA GLN A 49 -15.26 -11.75 -11.35
C GLN A 49 -15.93 -13.10 -11.54
N VAL A 50 -16.79 -13.20 -12.54
CA VAL A 50 -17.43 -14.46 -12.90
C VAL A 50 -16.40 -15.53 -13.23
N LYS A 51 -15.46 -15.18 -14.11
CA LYS A 51 -14.46 -16.11 -14.62
C LYS A 51 -13.46 -16.60 -13.56
N SER A 52 -13.25 -15.77 -12.53
CA SER A 52 -12.29 -16.11 -11.48
C SER A 52 -12.92 -16.99 -10.41
N GLY A 53 -14.24 -16.98 -10.33
CA GLY A 53 -14.96 -17.69 -9.29
C GLY A 53 -15.17 -16.82 -8.06
N ILE A 54 -14.47 -15.68 -8.02
CA ILE A 54 -14.57 -14.74 -6.91
C ILE A 54 -16.01 -14.28 -6.65
N LYS A 55 -16.74 -14.02 -7.72
CA LYS A 55 -18.16 -13.67 -7.61
C LYS A 55 -18.88 -14.66 -6.70
N GLY A 56 -18.57 -15.94 -6.88
CA GLY A 56 -19.09 -16.99 -6.03
C GLY A 56 -18.61 -16.87 -4.59
N TYR A 57 -17.30 -16.72 -4.41
CA TYR A 57 -16.74 -16.64 -3.07
C TYR A 57 -17.24 -15.45 -2.26
N ARG A 58 -17.29 -14.28 -2.90
CA ARG A 58 -17.77 -13.06 -2.25
C ARG A 58 -19.24 -13.16 -1.82
N ALA A 59 -20.00 -13.98 -2.54
CA ALA A 59 -21.41 -14.17 -2.23
C ALA A 59 -21.64 -14.76 -0.85
N ALA A 60 -20.68 -15.55 -0.37
CA ALA A 60 -20.76 -16.16 0.96
C ALA A 60 -20.88 -15.11 2.07
N PHE A 61 -20.44 -13.89 1.78
CA PHE A 61 -20.66 -12.79 2.72
C PHE A 61 -21.33 -11.60 2.02
N GLY A 62 -22.20 -11.91 1.07
CA GLY A 62 -22.92 -10.90 0.30
C GLY A 62 -23.81 -9.96 1.10
N SER A 63 -24.28 -10.41 2.26
CA SER A 63 -25.22 -9.60 3.04
C SER A 63 -24.54 -8.63 4.00
N ILE A 64 -23.22 -8.66 4.08
CA ILE A 64 -22.51 -7.68 4.89
C ILE A 64 -22.69 -6.29 4.26
N PRO A 65 -23.15 -5.32 5.06
CA PRO A 65 -23.34 -3.97 4.52
C PRO A 65 -22.00 -3.39 4.06
N TYR A 66 -22.05 -2.47 3.11
CA TYR A 66 -20.84 -1.84 2.60
C TYR A 66 -20.40 -0.68 3.47
N ALA A 67 -19.10 -0.62 3.75
CA ALA A 67 -18.51 0.53 4.43
C ALA A 67 -18.51 1.75 3.51
N THR A 68 -18.58 2.94 4.12
CA THR A 68 -18.40 4.19 3.40
C THR A 68 -17.39 4.99 4.19
N PRO A 69 -16.68 5.90 3.51
CA PRO A 69 -15.73 6.77 4.22
C PRO A 69 -16.35 7.47 5.41
N GLU A 70 -17.56 8.02 5.30
CA GLU A 70 -18.07 8.82 6.42
C GLU A 70 -18.57 8.01 7.64
N VAL A 71 -18.99 6.76 7.42
CA VAL A 71 -19.46 5.94 8.53
C VAL A 71 -18.35 5.66 9.53
N LEU A 72 -17.11 5.68 9.06
CA LEU A 72 -15.94 5.43 9.91
C LEU A 72 -15.90 6.39 11.08
N ALA A 73 -16.31 7.63 10.84
CA ALA A 73 -16.34 8.65 11.89
C ALA A 73 -17.22 8.25 13.09
N GLU A 74 -18.14 7.32 12.89
CA GLU A 74 -19.07 6.89 13.95
C GLU A 74 -18.45 5.92 14.95
N ALA A 75 -17.31 5.32 14.60
CA ALA A 75 -16.73 4.28 15.45
C ALA A 75 -15.82 4.86 16.55
N ASP A 76 -15.57 4.07 17.59
CA ASP A 76 -14.49 4.38 18.53
C ASP A 76 -13.17 3.68 18.16
N ALA A 77 -13.30 2.52 17.54
CA ALA A 77 -12.17 1.82 16.97
C ALA A 77 -12.56 1.25 15.61
N ILE A 78 -11.61 1.20 14.69
CA ILE A 78 -11.78 0.52 13.41
C ILE A 78 -10.66 -0.49 13.20
N ILE A 79 -11.03 -1.73 12.95
CA ILE A 79 -10.05 -2.76 12.66
C ILE A 79 -10.20 -3.13 11.19
N PHE A 80 -9.16 -2.88 10.41
CA PHE A 80 -9.18 -3.01 8.96
C PHE A 80 -8.61 -4.34 8.52
N GLY A 81 -9.28 -5.02 7.61
CA GLY A 81 -8.78 -6.28 7.08
C GLY A 81 -8.56 -6.22 5.57
N THR A 82 -7.39 -6.67 5.12
CA THR A 82 -7.04 -6.70 3.70
C THR A 82 -6.11 -7.87 3.39
N PRO A 83 -6.38 -8.60 2.30
CA PRO A 83 -5.39 -9.52 1.74
C PRO A 83 -4.18 -8.72 1.22
N THR A 84 -2.99 -9.31 1.24
CA THR A 84 -1.83 -8.60 0.73
C THR A 84 -1.88 -8.57 -0.79
N ARG A 85 -1.32 -7.51 -1.36
CA ARG A 85 -0.95 -7.51 -2.78
C ARG A 85 0.49 -7.04 -2.85
N PHE A 86 1.43 -7.98 -2.92
CA PHE A 86 2.85 -7.63 -3.03
C PHE A 86 3.33 -6.77 -1.84
N GLY A 87 2.87 -7.10 -0.65
CA GLY A 87 3.29 -6.41 0.57
C GLY A 87 2.66 -5.05 0.87
N ASN A 88 1.59 -4.72 0.17
CA ASN A 88 0.77 -3.54 0.43
C ASN A 88 -0.68 -3.99 0.59
N MET A 89 -1.55 -3.11 1.08
CA MET A 89 -2.99 -3.37 1.04
C MET A 89 -3.46 -3.49 -0.41
N CYS A 90 -4.60 -4.14 -0.61
CA CYS A 90 -5.13 -4.33 -1.95
C CYS A 90 -5.71 -3.02 -2.48
N SER A 91 -5.82 -2.94 -3.81
CA SER A 91 -6.34 -1.73 -4.46
C SER A 91 -7.75 -1.40 -4.03
N GLN A 92 -8.56 -2.43 -3.72
CA GLN A 92 -9.92 -2.17 -3.24
C GLN A 92 -9.89 -1.39 -1.93
N MET A 93 -9.02 -1.80 -1.01
CA MET A 93 -8.91 -1.08 0.25
C MET A 93 -8.26 0.30 0.05
N ARG A 94 -7.28 0.37 -0.85
CA ARG A 94 -6.55 1.61 -1.12
C ARG A 94 -7.49 2.67 -1.70
N ASN A 95 -8.37 2.26 -2.62
CA ASN A 95 -9.32 3.19 -3.22
C ASN A 95 -10.32 3.69 -2.18
N PHE A 96 -10.74 2.78 -1.30
CA PHE A 96 -11.66 3.16 -0.25
C PHE A 96 -11.03 4.25 0.65
N LEU A 97 -9.80 3.98 1.08
CA LEU A 97 -9.10 4.91 1.96
C LEU A 97 -8.72 6.21 1.24
N ASP A 98 -8.46 6.13 -0.06
CA ASP A 98 -8.18 7.35 -0.83
C ASP A 98 -9.40 8.30 -0.82
N GLN A 99 -10.56 7.74 -0.51
CA GLN A 99 -11.82 8.46 -0.45
C GLN A 99 -12.09 9.23 0.84
N THR A 100 -11.19 9.11 1.80
CA THR A 100 -11.40 9.65 3.14
C THR A 100 -10.83 11.05 3.32
N GLY A 101 -10.71 11.78 2.21
CA GLY A 101 -10.13 13.12 2.24
C GLY A 101 -10.90 14.10 3.09
N GLY A 102 -12.22 14.03 2.99
CA GLY A 102 -13.08 14.90 3.77
C GLY A 102 -13.06 14.52 5.24
N LEU A 103 -13.06 13.22 5.50
CA LEU A 103 -12.87 12.69 6.84
C LEU A 103 -11.55 13.21 7.45
N TRP A 104 -10.51 13.26 6.63
CA TRP A 104 -9.19 13.75 7.06
C TRP A 104 -9.21 15.22 7.48
N MET A 105 -9.70 16.11 6.61
CA MET A 105 -9.65 17.52 6.96
C MET A 105 -10.57 17.90 8.12
N SER A 106 -11.58 17.08 8.40
CA SER A 106 -12.47 17.34 9.53
C SER A 106 -11.94 16.71 10.81
N GLY A 107 -10.90 15.89 10.69
CA GLY A 107 -10.27 15.28 11.84
C GLY A 107 -11.09 14.13 12.40
N GLY A 108 -11.90 13.53 11.55
CA GLY A 108 -12.91 12.58 12.00
C GLY A 108 -12.39 11.32 12.67
N LEU A 109 -11.14 10.91 12.38
CA LEU A 109 -10.60 9.69 12.98
C LEU A 109 -9.57 9.96 14.05
N ILE A 110 -9.35 11.23 14.35
CA ILE A 110 -8.28 11.61 15.28
C ILE A 110 -8.53 11.09 16.69
N GLY A 111 -7.59 10.32 17.24
CA GLY A 111 -7.74 9.80 18.59
C GLY A 111 -8.50 8.49 18.63
N LYS A 112 -8.99 8.04 17.47
CA LYS A 112 -9.66 6.75 17.40
C LYS A 112 -8.65 5.60 17.33
N VAL A 113 -9.05 4.42 17.79
CA VAL A 113 -8.17 3.26 17.78
C VAL A 113 -8.19 2.58 16.42
N GLY A 114 -7.02 2.47 15.80
CA GLY A 114 -6.87 1.79 14.52
C GLY A 114 -6.10 0.51 14.70
N SER A 115 -6.58 -0.57 14.08
CA SER A 115 -5.86 -1.84 14.11
C SER A 115 -5.98 -2.54 12.74
N VAL A 116 -5.11 -3.48 12.45
CA VAL A 116 -5.11 -4.11 11.13
C VAL A 116 -4.89 -5.62 11.18
N PHE A 117 -5.51 -6.34 10.24
CA PHE A 117 -5.19 -7.77 10.06
C PHE A 117 -5.11 -8.10 8.57
N THR A 118 -4.39 -9.16 8.24
CA THR A 118 -4.13 -9.47 6.83
C THR A 118 -4.12 -10.97 6.52
N SER A 119 -3.90 -11.25 5.24
CA SER A 119 -3.78 -12.63 4.76
CA SER A 119 -3.79 -12.63 4.75
C SER A 119 -2.84 -12.63 3.57
N THR A 120 -2.03 -13.67 3.45
CA THR A 120 -1.05 -13.77 2.39
C THR A 120 -0.98 -15.20 1.86
N ALA A 121 -0.36 -15.34 0.69
CA ALA A 121 -0.18 -16.65 0.06
C ALA A 121 1.03 -17.41 0.63
N SER A 122 2.07 -16.68 1.05
CA SER A 122 3.30 -17.32 1.55
C SER A 122 3.66 -16.86 2.96
N GLN A 123 4.52 -17.63 3.63
CA GLN A 123 4.83 -17.40 5.05
C GLN A 123 5.43 -16.03 5.37
N HIS A 124 6.26 -15.50 4.48
CA HIS A 124 6.89 -14.19 4.75
C HIS A 124 6.81 -13.23 3.56
N GLY A 125 5.81 -13.42 2.71
CA GLY A 125 5.51 -12.45 1.66
C GLY A 125 4.48 -11.42 2.08
N GLY A 126 4.90 -10.47 2.90
CA GLY A 126 4.02 -9.38 3.28
C GLY A 126 3.13 -9.64 4.47
N GLN A 127 3.47 -10.63 5.28
CA GLN A 127 2.73 -10.85 6.52
C GLN A 127 2.86 -9.63 7.44
N GLU A 128 4.05 -9.03 7.43
CA GLU A 128 4.34 -7.88 8.29
C GLU A 128 4.27 -6.55 7.55
N THR A 129 4.86 -6.49 6.35
CA THR A 129 4.95 -5.24 5.60
C THR A 129 3.58 -4.67 5.21
N THR A 130 2.62 -5.55 4.97
CA THR A 130 1.28 -5.11 4.61
C THR A 130 0.69 -4.33 5.78
N ILE A 131 0.89 -4.84 6.98
CA ILE A 131 0.37 -4.20 8.17
C ILE A 131 1.05 -2.86 8.48
N THR A 132 2.38 -2.86 8.48
CA THR A 132 3.11 -1.64 8.83
C THR A 132 2.91 -0.51 7.82
N SER A 133 2.77 -0.83 6.53
CA SER A 133 2.43 0.19 5.54
C SER A 133 0.97 0.67 5.71
N PHE A 134 0.10 -0.20 6.19
CA PHE A 134 -1.27 0.18 6.51
C PHE A 134 -1.24 1.16 7.69
N HIS A 135 -0.40 0.87 8.67
CA HIS A 135 -0.28 1.75 9.85
C HIS A 135 0.02 3.21 9.48
N THR A 136 0.86 3.39 8.46
CA THR A 136 1.23 4.72 7.97
C THR A 136 0.01 5.58 7.64
N THR A 137 -0.89 5.00 6.85
CA THR A 137 -2.13 5.70 6.52
C THR A 137 -3.00 5.99 7.76
N LEU A 138 -3.06 5.05 8.70
CA LEU A 138 -3.81 5.31 9.94
C LEU A 138 -3.20 6.46 10.76
N LEU A 139 -1.86 6.57 10.76
CA LEU A 139 -1.20 7.67 11.44
C LEU A 139 -1.48 9.01 10.76
N HIS A 140 -1.59 9.01 9.44
CA HIS A 140 -2.01 10.24 8.76
C HIS A 140 -3.37 10.71 9.25
N HIS A 141 -4.22 9.77 9.65
CA HIS A 141 -5.59 10.06 10.13
C HIS A 141 -5.62 10.32 11.63
N GLY A 142 -4.45 10.31 12.26
CA GLY A 142 -4.34 10.72 13.64
C GLY A 142 -4.84 9.67 14.61
N MET A 143 -4.92 8.44 14.14
CA MET A 143 -5.35 7.32 14.98
C MET A 143 -4.25 6.85 15.93
N VAL A 144 -4.69 6.21 17.01
CA VAL A 144 -3.81 5.52 17.92
C VAL A 144 -3.67 4.07 17.46
N ILE A 145 -2.45 3.58 17.28
CA ILE A 145 -2.25 2.26 16.68
C ILE A 145 -2.13 1.13 17.72
N VAL A 146 -2.96 0.09 17.57
CA VAL A 146 -2.91 -1.09 18.42
C VAL A 146 -2.62 -2.35 17.60
N GLY A 147 -1.65 -3.15 18.06
CA GLY A 147 -1.31 -4.40 17.41
C GLY A 147 -1.72 -5.60 18.26
N VAL A 148 -0.91 -6.64 18.26
CA VAL A 148 -1.18 -7.81 19.08
C VAL A 148 0.00 -8.09 20.02
N PRO A 149 -0.20 -7.85 21.32
CA PRO A 149 0.84 -8.03 22.35
C PRO A 149 1.23 -9.50 22.48
N TYR A 150 2.47 -9.74 22.90
CA TYR A 150 2.99 -11.10 23.03
C TYR A 150 2.46 -11.86 24.27
N SER A 151 1.53 -11.25 24.99
CA SER A 151 0.80 -11.96 26.04
C SER A 151 -0.22 -12.92 25.43
N GLU A 152 -0.36 -12.86 24.11
CA GLU A 152 -1.12 -13.85 23.35
C GLU A 152 -0.16 -14.93 22.91
N PRO A 153 -0.28 -16.13 23.50
CA PRO A 153 0.67 -17.25 23.33
C PRO A 153 0.83 -17.67 21.87
N GLY A 154 -0.18 -17.42 21.06
CA GLY A 154 -0.16 -17.89 19.68
C GLY A 154 0.93 -17.24 18.84
N LEU A 155 1.37 -16.06 19.24
CA LEU A 155 2.38 -15.31 18.50
C LEU A 155 3.73 -16.02 18.50
N THR A 156 3.95 -16.86 19.51
CA THR A 156 5.21 -17.58 19.65
C THR A 156 5.07 -19.06 19.35
N ASN A 157 3.95 -19.46 18.76
CA ASN A 157 3.79 -20.84 18.34
C ASN A 157 4.91 -21.30 17.42
N MET A 158 5.59 -22.38 17.81
CA MET A 158 6.68 -22.91 16.99
C MET A 158 6.47 -24.36 16.53
N THR A 159 5.23 -24.82 16.47
CA THR A 159 4.97 -26.20 16.06
C THR A 159 4.09 -26.31 14.81
N GLU A 160 3.33 -25.28 14.51
CA GLU A 160 2.54 -25.27 13.27
C GLU A 160 2.74 -23.99 12.47
N ILE A 161 2.78 -24.12 11.15
CA ILE A 161 2.76 -22.97 10.28
C ILE A 161 1.55 -22.12 10.66
N SER A 162 1.78 -20.84 10.89
CA SER A 162 0.70 -19.97 11.33
C SER A 162 1.01 -18.51 11.02
N GLY A 163 -0.05 -17.76 10.71
CA GLY A 163 0.01 -16.31 10.65
C GLY A 163 -0.08 -15.75 12.06
N GLY A 164 -0.27 -14.44 12.18
CA GLY A 164 -0.32 -13.78 13.47
C GLY A 164 0.99 -13.07 13.77
N THR A 165 0.95 -11.74 13.86
CA THR A 165 2.15 -10.95 14.10
C THR A 165 1.91 -9.97 15.26
N PRO A 166 2.98 -9.44 15.89
CA PRO A 166 2.75 -8.45 16.93
C PRO A 166 2.15 -7.15 16.38
N TYR A 167 2.20 -6.99 15.06
CA TYR A 167 1.64 -5.82 14.38
C TYR A 167 0.15 -5.98 14.10
N GLY A 168 -0.33 -7.21 14.10
CA GLY A 168 -1.73 -7.51 13.84
C GLY A 168 -1.90 -8.94 13.40
N ALA A 169 -3.11 -9.48 13.57
CA ALA A 169 -3.36 -10.88 13.23
C ALA A 169 -3.20 -11.12 11.73
N SER A 170 -2.97 -12.36 11.35
CA SER A 170 -2.90 -12.70 9.95
C SER A 170 -3.17 -14.19 9.73
N THR A 171 -3.43 -14.53 8.46
CA THR A 171 -3.66 -15.91 8.06
C THR A 171 -2.97 -16.21 6.73
N LEU A 172 -2.66 -17.48 6.51
CA LEU A 172 -1.99 -17.93 5.30
C LEU A 172 -2.98 -18.66 4.39
N ALA A 173 -2.99 -18.31 3.11
CA ALA A 173 -4.00 -18.83 2.21
C ALA A 173 -3.42 -19.84 1.22
N GLY A 174 -2.10 -19.92 1.17
CA GLY A 174 -1.43 -20.79 0.22
C GLY A 174 -1.39 -20.17 -1.16
N ALA A 175 -0.64 -20.81 -2.05
CA ALA A 175 -0.43 -20.29 -3.41
C ALA A 175 -1.73 -20.17 -4.18
N ASP A 176 -2.62 -21.15 -4.00
CA ASP A 176 -3.85 -21.23 -4.77
C ASP A 176 -5.06 -20.84 -3.93
N GLY A 177 -4.80 -20.25 -2.77
CA GLY A 177 -5.85 -19.79 -1.87
C GLY A 177 -6.61 -20.92 -1.21
N SER A 178 -6.04 -22.11 -1.23
CA SER A 178 -6.75 -23.31 -0.78
C SER A 178 -6.78 -23.48 0.74
N ARG A 179 -5.72 -23.06 1.40
CA ARG A 179 -5.63 -23.26 2.85
C ARG A 179 -6.55 -22.31 3.62
N GLN A 180 -7.37 -22.88 4.51
CA GLN A 180 -8.27 -22.09 5.33
C GLN A 180 -7.59 -21.72 6.64
N PRO A 181 -8.06 -20.63 7.27
CA PRO A 181 -7.47 -20.15 8.53
C PRO A 181 -7.52 -21.23 9.60
N SER A 182 -6.43 -21.36 10.36
CA SER A 182 -6.31 -22.41 11.37
C SER A 182 -6.84 -21.90 12.70
N GLU A 183 -7.03 -22.80 13.66
CA GLU A 183 -7.51 -22.37 14.97
C GLU A 183 -6.55 -21.40 15.65
N ASN A 184 -5.24 -21.63 15.51
CA ASN A 184 -4.26 -20.74 16.12
C ASN A 184 -4.41 -19.33 15.57
N GLU A 185 -4.59 -19.24 14.25
CA GLU A 185 -4.77 -17.96 13.58
C GLU A 185 -6.05 -17.26 14.01
N LEU A 186 -7.12 -18.04 14.20
CA LEU A 186 -8.40 -17.47 14.59
C LEU A 186 -8.40 -17.07 16.05
N GLN A 187 -7.67 -17.82 16.88
CA GLN A 187 -7.50 -17.48 18.29
CA GLN A 187 -7.51 -17.48 18.28
C GLN A 187 -6.75 -16.16 18.43
N ILE A 188 -5.73 -15.96 17.61
CA ILE A 188 -4.98 -14.72 17.65
C ILE A 188 -5.87 -13.56 17.23
N ALA A 189 -6.71 -13.76 16.20
CA ALA A 189 -7.63 -12.70 15.77
C ALA A 189 -8.68 -12.35 16.85
N ARG A 190 -9.19 -13.37 17.51
CA ARG A 190 -10.13 -13.18 18.61
C ARG A 190 -9.48 -12.31 19.70
N PHE A 191 -8.23 -12.61 20.01
CA PHE A 191 -7.51 -11.85 21.03
C PHE A 191 -7.35 -10.40 20.58
N GLN A 192 -7.04 -10.20 19.30
CA GLN A 192 -6.86 -8.85 18.76
C GLN A 192 -8.15 -8.03 18.95
N GLY A 193 -9.28 -8.62 18.56
CA GLY A 193 -10.57 -7.97 18.72
C GLY A 193 -10.85 -7.64 20.18
N LYS A 194 -10.60 -8.59 21.08
CA LYS A 194 -10.79 -8.34 22.50
C LYS A 194 -9.85 -7.25 23.02
N HIS A 195 -8.59 -7.28 22.57
CA HIS A 195 -7.60 -6.31 23.02
C HIS A 195 -7.86 -4.91 22.48
N VAL A 196 -8.17 -4.81 21.19
CA VAL A 196 -8.52 -3.52 20.62
C VAL A 196 -9.75 -2.95 21.34
N ALA A 197 -10.75 -3.79 21.56
CA ALA A 197 -12.00 -3.32 22.18
C ALA A 197 -11.78 -2.85 23.62
N THR A 198 -10.90 -3.52 24.34
CA THR A 198 -10.55 -3.14 25.70
C THR A 198 -9.96 -1.74 25.72
N ILE A 199 -9.02 -1.50 24.83
CA ILE A 199 -8.34 -0.21 24.76
C ILE A 199 -9.31 0.89 24.31
N ALA A 200 -10.08 0.60 23.27
CA ALA A 200 -11.03 1.60 22.76
C ALA A 200 -12.05 1.99 23.86
N LYS A 201 -12.49 0.99 24.61
CA LYS A 201 -13.49 1.21 25.65
C LYS A 201 -12.94 2.11 26.76
N ARG A 202 -11.68 1.88 27.13
CA ARG A 202 -11.05 2.71 28.15
C ARG A 202 -10.89 4.15 27.68
N LEU A 203 -10.66 4.32 26.38
CA LEU A 203 -10.57 5.65 25.80
C LEU A 203 -11.94 6.29 25.59
N ALA A 204 -12.92 5.47 25.19
CA ALA A 204 -14.24 5.96 24.86
C ALA A 204 -15.02 6.40 26.11
N ASN A 205 -14.81 5.68 27.20
CA ASN A 205 -15.49 5.99 28.47
C ASN A 205 -14.88 7.18 29.18
N ASN A 206 -13.91 7.82 28.53
CA ASN A 206 -13.27 9.03 29.05
C ASN A 206 -13.13 10.11 27.98
N LYS A 207 -14.27 10.59 27.48
CA LYS A 207 -14.32 11.54 26.38
C LYS A 207 -13.38 12.74 26.58
N PRO B 2 21.21 -0.65 -26.63
CA PRO B 2 20.38 0.37 -26.00
C PRO B 2 19.75 -0.20 -24.73
N THR B 3 19.47 0.66 -23.77
CA THR B 3 18.86 0.23 -22.54
C THR B 3 17.45 0.83 -22.55
N LYS B 4 16.45 0.03 -22.19
CA LYS B 4 15.07 0.52 -22.21
C LYS B 4 14.58 0.91 -20.82
N ILE B 5 14.26 2.19 -20.69
CA ILE B 5 13.71 2.71 -19.46
C ILE B 5 12.24 3.06 -19.68
N GLN B 6 11.37 2.50 -18.85
CA GLN B 6 9.98 2.92 -18.81
C GLN B 6 9.73 3.74 -17.54
N ILE B 7 9.07 4.88 -17.72
CA ILE B 7 8.64 5.67 -16.59
C ILE B 7 7.11 5.61 -16.49
N VAL B 8 6.63 4.89 -15.49
CA VAL B 8 5.23 4.56 -15.36
C VAL B 8 4.65 5.38 -14.20
N PHE B 9 3.67 6.22 -14.48
CA PHE B 9 3.23 7.15 -13.45
C PHE B 9 1.74 7.46 -13.45
N TYR B 10 1.28 8.02 -12.34
CA TYR B 10 -0.02 8.66 -12.23
C TYR B 10 0.17 10.10 -11.80
N SER B 11 -0.52 11.02 -12.47
CA SER B 11 -0.42 12.44 -12.11
C SER B 11 -1.79 13.11 -12.14
N SER B 12 -2.11 13.86 -11.08
CA SER B 12 -3.37 14.61 -11.00
C SER B 12 -3.16 16.06 -11.40
N TYR B 13 -2.29 16.74 -10.66
CA TYR B 13 -2.03 18.17 -10.81
C TYR B 13 -0.99 18.46 -11.86
N GLY B 14 -0.20 17.46 -12.20
CA GLY B 14 0.94 17.68 -13.08
C GLY B 14 2.28 17.64 -12.36
N HIS B 15 2.28 17.69 -11.02
CA HIS B 15 3.56 17.61 -10.29
C HIS B 15 4.33 16.35 -10.67
N ILE B 16 3.66 15.21 -10.61
CA ILE B 16 4.30 13.95 -10.94
C ILE B 16 4.73 13.91 -12.42
N TYR B 17 3.88 14.44 -13.28
CA TYR B 17 4.24 14.51 -14.68
C TYR B 17 5.50 15.36 -14.90
N LYS B 18 5.57 16.53 -14.28
CA LYS B 18 6.76 17.34 -14.40
C LYS B 18 8.01 16.63 -13.88
N MET B 19 7.87 15.90 -12.77
CA MET B 19 9.00 15.14 -12.24
C MET B 19 9.44 14.06 -13.22
N ALA B 20 8.46 13.39 -13.83
CA ALA B 20 8.74 12.36 -14.82
C ALA B 20 9.53 12.94 -16.00
N GLU B 21 9.18 14.15 -16.44
CA GLU B 21 9.87 14.77 -17.57
C GLU B 21 11.33 15.03 -17.18
N ALA B 22 11.56 15.39 -15.92
CA ALA B 22 12.91 15.63 -15.42
C ALA B 22 13.68 14.31 -15.29
N ILE B 23 13.02 13.26 -14.83
CA ILE B 23 13.64 11.95 -14.79
C ILE B 23 14.04 11.46 -16.18
N ALA B 24 13.13 11.63 -17.15
CA ALA B 24 13.39 11.20 -18.52
C ALA B 24 14.59 11.96 -19.13
N ALA B 25 14.64 13.27 -18.90
CA ALA B 25 15.74 14.07 -19.42
C ALA B 25 17.07 13.67 -18.81
N GLY B 26 17.05 13.29 -17.53
CA GLY B 26 18.23 12.80 -16.85
C GLY B 26 18.68 11.49 -17.46
N ALA B 27 17.72 10.59 -17.69
CA ALA B 27 18.02 9.29 -18.28
C ALA B 27 18.57 9.44 -19.70
N ARG B 28 17.98 10.34 -20.47
CA ARG B 28 18.34 10.50 -21.87
C ARG B 28 19.70 11.17 -22.03
N GLU B 29 20.26 11.67 -20.92
CA GLU B 29 21.62 12.20 -20.92
C GLU B 29 22.67 11.12 -21.11
N VAL B 30 22.37 9.86 -20.78
CA VAL B 30 23.47 8.89 -20.74
C VAL B 30 23.89 8.28 -22.09
N GLY B 31 22.98 8.17 -23.03
CA GLY B 31 23.46 7.77 -24.35
C GLY B 31 23.23 6.32 -24.67
N ASP B 32 22.63 6.09 -25.82
CA ASP B 32 22.04 4.81 -26.17
C ASP B 32 20.98 4.35 -25.13
N VAL B 33 20.23 5.31 -24.60
CA VAL B 33 19.13 4.99 -23.67
C VAL B 33 17.77 5.35 -24.28
N GLU B 34 16.87 4.37 -24.37
CA GLU B 34 15.50 4.60 -24.88
C GLU B 34 14.50 4.76 -23.73
N VAL B 35 13.93 5.96 -23.57
CA VAL B 35 12.97 6.25 -22.52
C VAL B 35 11.53 6.41 -23.05
N THR B 36 10.60 5.64 -22.47
CA THR B 36 9.17 5.75 -22.77
C THR B 36 8.35 6.12 -21.53
N LEU B 37 7.51 7.15 -21.63
CA LEU B 37 6.59 7.52 -20.57
C LEU B 37 5.25 6.84 -20.79
N LEU B 38 4.72 6.24 -19.73
CA LEU B 38 3.42 5.56 -19.76
C LEU B 38 2.63 5.95 -18.50
N GLN B 39 1.33 6.20 -18.66
CA GLN B 39 0.52 6.59 -17.52
C GLN B 39 -0.41 5.45 -17.14
N VAL B 40 -0.72 5.34 -15.87
CA VAL B 40 -1.69 4.34 -15.44
C VAL B 40 -3.11 4.91 -15.50
N PRO B 41 -4.06 4.06 -15.88
CA PRO B 41 -5.48 4.42 -16.05
C PRO B 41 -6.16 4.84 -14.74
N GLU B 42 -7.10 5.77 -14.88
CA GLU B 42 -8.05 6.13 -13.84
C GLU B 42 -8.86 4.89 -13.44
N GLY B 62 -2.32 13.65 -21.49
CA GLY B 62 -3.26 12.62 -21.85
C GLY B 62 -2.82 11.85 -23.08
N SER B 63 -2.01 12.51 -23.91
CA SER B 63 -1.45 11.93 -25.12
C SER B 63 -0.27 10.99 -24.79
N ILE B 64 -0.03 10.78 -23.51
CA ILE B 64 0.86 9.73 -23.06
C ILE B 64 0.06 8.44 -23.12
N PRO B 65 0.63 7.39 -23.74
CA PRO B 65 -0.06 6.09 -23.82
C PRO B 65 -0.28 5.50 -22.44
N TYR B 66 -1.25 4.59 -22.31
CA TYR B 66 -1.46 3.90 -21.04
C TYR B 66 -0.54 2.71 -20.87
N ALA B 67 -0.03 2.55 -19.65
CA ALA B 67 0.74 1.37 -19.30
C ALA B 67 -0.17 0.14 -19.31
N THR B 68 0.42 -1.01 -19.64
CA THR B 68 -0.23 -2.30 -19.43
C THR B 68 0.77 -3.16 -18.67
N PRO B 69 0.29 -4.22 -17.99
CA PRO B 69 1.23 -5.10 -17.30
C PRO B 69 2.20 -5.79 -18.27
N GLU B 70 1.74 -6.15 -19.47
CA GLU B 70 2.57 -6.90 -20.40
C GLU B 70 3.72 -6.09 -20.99
N VAL B 71 3.51 -4.79 -21.19
CA VAL B 71 4.57 -3.97 -21.76
C VAL B 71 5.76 -3.82 -20.80
N LEU B 72 5.51 -3.96 -19.50
CA LEU B 72 6.56 -3.78 -18.49
C LEU B 72 7.67 -4.78 -18.69
N ALA B 73 7.33 -5.92 -19.29
CA ALA B 73 8.28 -7.00 -19.51
C ALA B 73 9.37 -6.57 -20.48
N GLU B 74 9.08 -5.55 -21.28
CA GLU B 74 10.03 -5.09 -22.31
C GLU B 74 11.10 -4.14 -21.78
N ALA B 75 10.94 -3.65 -20.55
CA ALA B 75 11.88 -2.70 -19.98
C ALA B 75 13.12 -3.36 -19.39
N ASP B 76 14.22 -2.63 -19.36
CA ASP B 76 15.37 -3.02 -18.54
C ASP B 76 15.25 -2.38 -17.15
N ALA B 77 14.61 -1.21 -17.10
CA ALA B 77 14.32 -0.56 -15.83
C ALA B 77 12.96 0.15 -15.87
N ILE B 78 12.27 0.13 -14.73
CA ILE B 78 11.00 0.86 -14.59
C ILE B 78 11.10 1.82 -13.41
N ILE B 79 10.84 3.09 -13.69
CA ILE B 79 10.82 4.13 -12.68
C ILE B 79 9.34 4.53 -12.46
N PHE B 80 8.81 4.28 -11.26
CA PHE B 80 7.39 4.48 -10.99
C PHE B 80 7.15 5.80 -10.29
N GLY B 81 6.17 6.55 -10.77
CA GLY B 81 5.82 7.82 -10.15
C GLY B 81 4.40 7.83 -9.61
N THR B 82 4.26 8.21 -8.34
CA THR B 82 2.93 8.32 -7.73
C THR B 82 2.83 9.46 -6.71
N PRO B 83 1.69 10.18 -6.72
CA PRO B 83 1.45 11.09 -5.59
C PRO B 83 1.19 10.22 -4.40
N THR B 84 1.41 10.73 -3.18
CA THR B 84 1.09 9.92 -2.01
C THR B 84 -0.41 9.94 -1.72
N ARG B 85 -0.91 8.88 -1.11
CA ARG B 85 -2.24 8.89 -0.52
C ARG B 85 -2.03 8.39 0.89
N PHE B 86 -1.90 9.32 1.84
CA PHE B 86 -1.71 8.98 3.23
C PHE B 86 -0.51 8.03 3.46
N GLY B 87 0.59 8.26 2.74
CA GLY B 87 1.80 7.50 2.94
C GLY B 87 1.92 6.18 2.19
N ASN B 88 0.97 5.90 1.28
CA ASN B 88 1.08 4.78 0.33
C ASN B 88 1.00 5.30 -1.09
N MET B 89 1.26 4.44 -2.08
CA MET B 89 0.98 4.79 -3.47
C MET B 89 -0.53 5.00 -3.61
N CYS B 90 -0.94 5.68 -4.68
CA CYS B 90 -2.35 5.93 -4.92
C CYS B 90 -3.07 4.69 -5.43
N SER B 91 -4.39 4.64 -5.26
CA SER B 91 -5.16 3.46 -5.67
C SER B 91 -5.04 3.12 -7.15
N GLN B 92 -4.84 4.13 -7.99
CA GLN B 92 -4.72 3.91 -9.43
C GLN B 92 -3.44 3.12 -9.72
N MET B 93 -2.36 3.47 -9.04
CA MET B 93 -1.11 2.74 -9.18
C MET B 93 -1.24 1.35 -8.52
N ARG B 94 -1.88 1.31 -7.35
CA ARG B 94 -2.08 0.04 -6.65
C ARG B 94 -2.88 -0.93 -7.54
N ASN B 95 -3.95 -0.45 -8.18
CA ASN B 95 -4.77 -1.32 -9.00
C ASN B 95 -4.02 -1.83 -10.23
N PHE B 96 -3.22 -0.96 -10.81
CA PHE B 96 -2.34 -1.34 -11.92
C PHE B 96 -1.40 -2.47 -11.51
N LEU B 97 -0.72 -2.29 -10.38
CA LEU B 97 0.20 -3.30 -9.91
C LEU B 97 -0.50 -4.59 -9.52
N ASP B 98 -1.73 -4.47 -9.01
CA ASP B 98 -2.50 -5.66 -8.69
C ASP B 98 -2.82 -6.48 -9.96
N GLN B 99 -2.61 -5.90 -11.13
CA GLN B 99 -2.87 -6.64 -12.38
C GLN B 99 -1.60 -7.30 -12.89
N THR B 100 -0.52 -7.26 -12.12
CA THR B 100 0.74 -7.84 -12.59
C THR B 100 0.97 -9.26 -12.05
N GLY B 101 -0.11 -9.93 -11.66
CA GLY B 101 -0.02 -11.31 -11.22
C GLY B 101 0.62 -12.26 -12.23
N GLY B 102 0.24 -12.11 -13.50
CA GLY B 102 0.81 -12.92 -14.56
C GLY B 102 2.31 -12.71 -14.71
N LEU B 103 2.71 -11.45 -14.80
CA LEU B 103 4.12 -11.06 -14.82
C LEU B 103 4.85 -11.70 -13.65
N TRP B 104 4.21 -11.68 -12.49
CA TRP B 104 4.84 -12.19 -11.28
C TRP B 104 5.12 -13.68 -11.35
N MET B 105 4.10 -14.48 -11.69
CA MET B 105 4.32 -15.91 -11.69
C MET B 105 5.19 -16.39 -12.86
N SER B 106 5.36 -15.56 -13.88
CA SER B 106 6.26 -15.87 -14.98
C SER B 106 7.69 -15.37 -14.71
N GLY B 107 7.86 -14.53 -13.69
CA GLY B 107 9.16 -14.03 -13.32
C GLY B 107 9.61 -12.88 -14.20
N GLY B 108 8.63 -12.23 -14.82
CA GLY B 108 8.89 -11.24 -15.84
C GLY B 108 9.63 -9.98 -15.46
N LEU B 109 9.68 -9.64 -14.17
CA LEU B 109 10.41 -8.44 -13.76
C LEU B 109 11.70 -8.75 -12.98
N ILE B 110 12.00 -10.04 -12.82
CA ILE B 110 13.15 -10.44 -12.01
C ILE B 110 14.48 -9.94 -12.56
N GLY B 111 15.25 -9.27 -11.72
CA GLY B 111 16.53 -8.73 -12.14
C GLY B 111 16.47 -7.39 -12.85
N LYS B 112 15.26 -6.90 -13.13
CA LYS B 112 15.13 -5.55 -13.70
C LYS B 112 15.30 -4.48 -12.62
N VAL B 113 15.76 -3.30 -13.02
CA VAL B 113 15.97 -2.21 -12.08
C VAL B 113 14.64 -1.50 -11.78
N GLY B 114 14.36 -1.34 -10.49
CA GLY B 114 13.17 -0.63 -10.06
C GLY B 114 13.52 0.63 -9.28
N SER B 115 12.76 1.69 -9.49
CA SER B 115 12.99 2.97 -8.82
C SER B 115 11.66 3.75 -8.71
N VAL B 116 11.58 4.64 -7.73
CA VAL B 116 10.32 5.30 -7.40
C VAL B 116 10.51 6.79 -7.12
N PHE B 117 9.52 7.59 -7.50
CA PHE B 117 9.49 8.99 -7.10
C PHE B 117 8.06 9.38 -6.70
N THR B 118 7.93 10.44 -5.91
CA THR B 118 6.63 10.78 -5.36
C THR B 118 6.40 12.29 -5.22
N SER B 119 5.19 12.63 -4.80
CA SER B 119 4.81 14.01 -4.52
CA SER B 119 4.82 14.00 -4.53
C SER B 119 3.87 14.02 -3.33
N THR B 120 3.96 15.06 -2.50
CA THR B 120 3.12 15.13 -1.31
C THR B 120 2.67 16.55 -1.05
N ALA B 121 1.57 16.67 -0.30
CA ALA B 121 1.05 17.97 0.11
C ALA B 121 1.93 18.63 1.19
N SER B 122 2.46 17.83 2.12
CA SER B 122 3.22 18.39 3.26
C SER B 122 4.67 17.86 3.32
N GLN B 123 5.51 18.53 4.10
CA GLN B 123 6.96 18.31 4.07
C GLN B 123 7.36 16.90 4.56
N HIS B 124 6.61 16.34 5.49
CA HIS B 124 6.94 14.98 5.95
C HIS B 124 5.75 14.04 6.09
N GLY B 125 4.71 14.30 5.31
CA GLY B 125 3.58 13.39 5.25
C GLY B 125 3.76 12.43 4.09
N GLY B 126 4.61 11.42 4.26
CA GLY B 126 4.77 10.37 3.28
C GLY B 126 5.78 10.61 2.17
N GLN B 127 6.67 11.59 2.35
CA GLN B 127 7.78 11.79 1.42
C GLN B 127 8.64 10.52 1.32
N GLU B 128 8.78 9.84 2.46
CA GLU B 128 9.67 8.69 2.56
C GLU B 128 8.88 7.39 2.55
N THR B 129 7.83 7.33 3.38
CA THR B 129 7.05 6.11 3.57
C THR B 129 6.33 5.65 2.31
N THR B 130 5.92 6.59 1.47
CA THR B 130 5.30 6.25 0.21
C THR B 130 6.28 5.46 -0.68
N ILE B 131 7.53 5.92 -0.69
CA ILE B 131 8.55 5.22 -1.49
C ILE B 131 8.95 3.86 -0.90
N THR B 132 9.12 3.79 0.42
CA THR B 132 9.64 2.56 1.02
C THR B 132 8.61 1.44 0.96
N SER B 133 7.33 1.80 1.07
CA SER B 133 6.25 0.82 0.91
C SER B 133 6.10 0.39 -0.55
N PHE B 134 6.43 1.30 -1.48
CA PHE B 134 6.45 0.94 -2.90
C PHE B 134 7.59 -0.08 -3.11
N HIS B 135 8.73 0.14 -2.48
CA HIS B 135 9.86 -0.79 -2.60
C HIS B 135 9.49 -2.23 -2.26
N THR B 136 8.61 -2.41 -1.27
CA THR B 136 8.18 -3.73 -0.87
C THR B 136 7.65 -4.50 -2.07
N THR B 137 6.81 -3.83 -2.86
CA THR B 137 6.15 -4.45 -4.00
C THR B 137 7.19 -4.78 -5.08
N LEU B 138 8.13 -3.86 -5.33
CA LEU B 138 9.17 -4.13 -6.32
C LEU B 138 10.03 -5.34 -5.92
N LEU B 139 10.27 -5.49 -4.61
CA LEU B 139 10.98 -6.68 -4.12
C LEU B 139 10.21 -7.99 -4.32
N HIS B 140 8.89 -7.97 -4.14
CA HIS B 140 8.07 -9.13 -4.48
C HIS B 140 8.23 -9.57 -5.94
N HIS B 141 8.41 -8.60 -6.84
CA HIS B 141 8.68 -8.88 -8.25
C HIS B 141 10.16 -9.20 -8.58
N GLY B 142 11.01 -9.30 -7.55
CA GLY B 142 12.39 -9.70 -7.74
C GLY B 142 13.25 -8.61 -8.36
N MET B 143 12.78 -7.36 -8.29
CA MET B 143 13.54 -6.26 -8.89
C MET B 143 14.72 -5.83 -8.05
N VAL B 144 15.67 -5.17 -8.70
CA VAL B 144 16.82 -4.58 -8.05
C VAL B 144 16.52 -3.10 -7.75
N ILE B 145 16.64 -2.68 -6.49
CA ILE B 145 16.16 -1.36 -6.09
C ILE B 145 17.22 -0.27 -6.08
N VAL B 146 16.90 0.85 -6.74
CA VAL B 146 17.81 1.99 -6.82
C VAL B 146 17.12 3.24 -6.28
N GLY B 147 17.82 3.93 -5.37
CA GLY B 147 17.35 5.20 -4.85
C GLY B 147 18.19 6.34 -5.41
N VAL B 148 18.37 7.40 -4.62
CA VAL B 148 19.19 8.53 -5.02
C VAL B 148 20.35 8.71 -4.03
N PRO B 149 21.59 8.45 -4.48
CA PRO B 149 22.76 8.51 -3.60
C PRO B 149 23.05 9.95 -3.17
N TYR B 150 23.73 10.12 -2.03
CA TYR B 150 24.00 11.46 -1.52
C TYR B 150 25.12 12.19 -2.27
N SER B 151 25.67 11.57 -3.31
CA SER B 151 26.57 12.29 -4.20
C SER B 151 25.81 13.38 -4.97
N GLU B 152 24.48 13.35 -4.90
CA GLU B 152 23.66 14.42 -5.47
C GLU B 152 23.46 15.50 -4.40
N PRO B 153 24.09 16.68 -4.61
CA PRO B 153 24.13 17.75 -3.61
C PRO B 153 22.74 18.24 -3.16
N GLY B 154 21.76 18.16 -4.04
CA GLY B 154 20.42 18.63 -3.73
C GLY B 154 19.79 17.95 -2.53
N LEU B 155 20.21 16.71 -2.25
CA LEU B 155 19.68 15.95 -1.11
C LEU B 155 19.99 16.59 0.23
N THR B 156 21.08 17.35 0.29
CA THR B 156 21.46 17.99 1.55
C THR B 156 21.19 19.48 1.57
N ASN B 157 20.45 19.96 0.57
CA ASN B 157 20.08 21.38 0.58
C ASN B 157 19.36 21.75 1.87
N MET B 158 19.83 22.80 2.54
CA MET B 158 19.20 23.27 3.77
C MET B 158 18.83 24.76 3.70
N THR B 159 18.67 25.29 2.49
CA THR B 159 18.33 26.70 2.34
C THR B 159 16.93 26.93 1.78
N GLU B 160 16.40 25.96 1.05
CA GLU B 160 15.05 26.09 0.52
C GLU B 160 14.22 24.85 0.80
N ILE B 161 12.93 25.06 1.07
CA ILE B 161 12.01 23.94 1.21
C ILE B 161 12.15 23.08 -0.04
N SER B 162 12.42 21.80 0.14
CA SER B 162 12.65 20.93 -1.02
C SER B 162 12.29 19.48 -0.75
N GLY B 163 11.78 18.81 -1.78
CA GLY B 163 11.65 17.37 -1.77
C GLY B 163 12.97 16.73 -2.16
N GLY B 164 12.96 15.42 -2.37
CA GLY B 164 14.17 14.72 -2.71
C GLY B 164 14.65 13.92 -1.50
N THR B 165 14.69 12.60 -1.66
CA THR B 165 15.10 11.70 -0.60
C THR B 165 16.12 10.70 -1.13
N PRO B 166 16.93 10.10 -0.23
CA PRO B 166 17.85 9.06 -0.71
C PRO B 166 17.10 7.85 -1.23
N TYR B 167 15.82 7.75 -0.91
CA TYR B 167 15.01 6.61 -1.34
C TYR B 167 14.45 6.80 -2.75
N GLY B 168 14.48 8.05 -3.22
CA GLY B 168 13.92 8.41 -4.52
C GLY B 168 13.50 9.88 -4.51
N ALA B 169 13.43 10.49 -5.69
CA ALA B 169 13.08 11.90 -5.81
C ALA B 169 11.65 12.19 -5.35
N SER B 170 11.40 13.41 -4.92
CA SER B 170 10.05 13.79 -4.52
C SER B 170 9.84 15.28 -4.76
N THR B 171 8.57 15.68 -4.82
CA THR B 171 8.25 17.10 -4.91
C THR B 171 7.15 17.47 -3.91
N LEU B 172 7.06 18.75 -3.59
CA LEU B 172 6.06 19.22 -2.64
C LEU B 172 4.99 20.00 -3.39
N ALA B 173 3.73 19.63 -3.19
CA ALA B 173 2.65 20.17 -4.01
C ALA B 173 1.93 21.30 -3.29
N GLY B 174 2.01 21.27 -1.96
CA GLY B 174 1.29 22.22 -1.13
C GLY B 174 -0.12 21.71 -0.84
N ALA B 175 -0.78 22.37 0.10
CA ALA B 175 -2.13 22.00 0.50
C ALA B 175 -3.14 22.04 -0.66
N ASP B 176 -3.03 23.08 -1.49
CA ASP B 176 -3.96 23.23 -2.61
C ASP B 176 -3.37 22.75 -3.94
N GLY B 177 -2.17 22.18 -3.90
CA GLY B 177 -1.48 21.73 -5.09
C GLY B 177 -0.99 22.87 -5.96
N SER B 178 -0.86 24.06 -5.38
CA SER B 178 -0.46 25.24 -6.13
C SER B 178 1.03 25.29 -6.37
N ARG B 179 1.80 24.76 -5.41
CA ARG B 179 3.27 24.86 -5.48
C ARG B 179 3.85 24.12 -6.68
N GLN B 180 4.69 24.81 -7.43
CA GLN B 180 5.37 24.24 -8.58
C GLN B 180 6.61 23.47 -8.10
N PRO B 181 6.91 22.33 -8.76
CA PRO B 181 8.19 21.69 -8.44
C PRO B 181 9.36 22.66 -8.64
N SER B 182 10.24 22.73 -7.65
CA SER B 182 11.37 23.66 -7.70
C SER B 182 12.48 23.13 -8.58
N GLU B 183 13.47 23.97 -8.84
CA GLU B 183 14.62 23.61 -9.63
C GLU B 183 15.49 22.57 -8.89
N ASN B 184 15.62 22.72 -7.58
CA ASN B 184 16.33 21.72 -6.78
C ASN B 184 15.70 20.32 -6.87
N GLU B 185 14.37 20.27 -6.82
CA GLU B 185 13.64 19.02 -6.85
C GLU B 185 13.77 18.35 -8.22
N LEU B 186 13.74 19.15 -9.28
CA LEU B 186 13.84 18.60 -10.63
C LEU B 186 15.25 18.11 -10.94
N GLN B 187 16.24 18.81 -10.42
CA GLN B 187 17.63 18.38 -10.60
C GLN B 187 17.92 17.07 -9.86
N ILE B 188 17.35 16.89 -8.67
CA ILE B 188 17.42 15.60 -7.98
C ILE B 188 16.77 14.52 -8.86
N ALA B 189 15.60 14.83 -9.42
CA ALA B 189 14.91 13.91 -10.31
C ALA B 189 15.75 13.59 -11.55
N ARG B 190 16.33 14.63 -12.14
CA ARG B 190 17.22 14.44 -13.28
C ARG B 190 18.34 13.46 -12.92
N PHE B 191 18.94 13.66 -11.74
CA PHE B 191 20.01 12.77 -11.27
C PHE B 191 19.54 11.33 -11.15
N GLN B 192 18.34 11.13 -10.59
CA GLN B 192 17.78 9.79 -10.39
C GLN B 192 17.62 9.11 -11.75
N GLY B 193 17.13 9.86 -12.73
CA GLY B 193 17.01 9.30 -14.07
C GLY B 193 18.35 8.88 -14.63
N LYS B 194 19.35 9.77 -14.50
CA LYS B 194 20.67 9.46 -15.05
C LYS B 194 21.31 8.27 -14.33
N HIS B 195 21.16 8.25 -13.01
CA HIS B 195 21.74 7.21 -12.18
C HIS B 195 21.08 5.83 -12.42
N VAL B 196 19.76 5.81 -12.44
CA VAL B 196 19.03 4.59 -12.77
C VAL B 196 19.40 4.04 -14.15
N ALA B 197 19.45 4.92 -15.15
CA ALA B 197 19.83 4.52 -16.51
C ALA B 197 21.26 3.97 -16.55
N THR B 198 22.18 4.62 -15.87
CA THR B 198 23.57 4.16 -15.81
C THR B 198 23.65 2.76 -15.23
N ILE B 199 22.92 2.51 -14.16
CA ILE B 199 22.86 1.18 -13.56
C ILE B 199 22.23 0.16 -14.51
N ALA B 200 21.06 0.49 -15.05
CA ALA B 200 20.34 -0.41 -15.95
C ALA B 200 21.21 -0.79 -17.15
N LYS B 201 21.95 0.19 -17.66
CA LYS B 201 22.76 0.01 -18.88
C LYS B 201 23.93 -0.96 -18.64
N ARG B 202 24.56 -0.84 -17.47
CA ARG B 202 25.65 -1.73 -17.09
C ARG B 202 25.14 -3.16 -16.95
N LEU B 203 23.95 -3.32 -16.40
CA LEU B 203 23.32 -4.63 -16.32
C LEU B 203 22.89 -5.14 -17.69
N ALA B 204 22.31 -4.24 -18.49
CA ALA B 204 21.77 -4.60 -19.80
C ALA B 204 22.88 -5.09 -20.74
N ASN B 205 24.06 -4.48 -20.60
CA ASN B 205 25.20 -4.83 -21.45
C ASN B 205 26.08 -5.95 -20.89
N ASN B 206 25.59 -6.63 -19.86
CA ASN B 206 26.28 -7.77 -19.26
C ASN B 206 25.36 -8.93 -19.02
N LYS B 207 24.55 -9.26 -20.01
CA LYS B 207 23.51 -10.28 -19.86
C LYS B 207 24.01 -11.55 -19.17
#